data_4JBO
#
_entry.id   4JBO
#
_cell.length_a   80.858
_cell.length_b   80.858
_cell.length_c   170.984
_cell.angle_alpha   90.000
_cell.angle_beta   90.000
_cell.angle_gamma   120.000
#
_symmetry.space_group_name_H-M   'P 61 2 2'
#
loop_
_entity.id
_entity.type
_entity.pdbx_description
1 polymer 'Aurora kinase A'
2 non-polymer 1-(4-{2-[(6-{4-[2-(dimethylamino)ethoxy]phenyl}furo[2,3-d]pyrimidin-4-yl)amino]ethyl}phenyl)-3-phenylurea
3 water water
#
_entity_poly.entity_id   1
_entity_poly.type   'polypeptide(L)'
_entity_poly.pdbx_seq_one_letter_code
;SKKRQWALEDFEIGRPLGKGKFGNVYLAREKQSKFILALKVLFKAQLEKAGVEHQLRREVEIQSHLRHPNILRLYGYFHD
ATRVYLILEYAPLGTVYRELQKLSKFDEQRTATYITELANALSYCHSKRVIHRDIKPENLLLGSAGELKIADFGWSVHAP
SSRRTDLCGTLDYLPPEMIEGRMHDEKVDLWSLGVLCYEFLVGKPPFEANTYQETYKRISRVEFTFPDFVTEGARDLISR
LLKHNPSQRPMLREVLEHPWITANSSKPSNCQNKESASK
;
_entity_poly.pdbx_strand_id   A
#
loop_
_chem_comp.id
_chem_comp.type
_chem_comp.name
_chem_comp.formula
WPH non-polymer 1-(4-{2-[(6-{4-[2-(dimethylamino)ethoxy]phenyl}furo[2,3-d]pyrimidin-4-yl)amino]ethyl}phenyl)-3-phenylurea 'C31 H32 N6 O3'
#
# COMPACT_ATOMS: atom_id res chain seq x y z
N ARG A 4 -9.95 24.66 -10.16
CA ARG A 4 -11.39 24.79 -9.80
C ARG A 4 -11.64 24.33 -8.35
N GLN A 5 -12.18 25.23 -7.54
CA GLN A 5 -12.41 24.97 -6.12
C GLN A 5 -13.59 24.02 -5.89
N TRP A 6 -13.36 22.97 -5.11
CA TRP A 6 -14.39 21.98 -4.80
C TRP A 6 -15.03 22.29 -3.45
N ALA A 7 -16.31 21.92 -3.32
CA ALA A 7 -17.05 22.08 -2.06
C ALA A 7 -17.92 20.84 -1.82
N LEU A 8 -18.30 20.62 -0.56
CA LEU A 8 -19.05 19.42 -0.16
C LEU A 8 -20.40 19.31 -0.88
N GLU A 9 -20.98 20.46 -1.22
CA GLU A 9 -22.29 20.50 -1.86
C GLU A 9 -22.25 20.19 -3.37
N ASP A 10 -21.06 19.91 -3.91
CA ASP A 10 -20.92 19.47 -5.31
C ASP A 10 -21.13 17.96 -5.45
N PHE A 11 -21.19 17.26 -4.32
CA PHE A 11 -21.23 15.81 -4.31
C PHE A 11 -22.46 15.26 -3.59
N GLU A 12 -22.98 14.14 -4.09
CA GLU A 12 -23.95 13.34 -3.37
C GLU A 12 -23.21 12.20 -2.70
N ILE A 13 -23.23 12.17 -1.38
CA ILE A 13 -22.50 11.15 -0.62
C ILE A 13 -23.33 9.88 -0.54
N GLY A 14 -22.66 8.74 -0.63
CA GLY A 14 -23.30 7.44 -0.70
C GLY A 14 -22.73 6.43 0.28
N ARG A 15 -22.69 5.17 -0.15
CA ARG A 15 -22.31 4.07 0.74
C ARG A 15 -21.00 4.31 1.46
N PRO A 16 -20.96 4.03 2.78
CA PRO A 16 -19.70 3.93 3.51
C PRO A 16 -18.82 2.82 2.94
N LEU A 17 -17.64 3.19 2.44
CA LEU A 17 -16.75 2.26 1.76
C LEU A 17 -15.74 1.60 2.69
N GLY A 18 -15.31 2.33 3.72
CA GLY A 18 -14.36 1.79 4.68
C GLY A 18 -14.13 2.68 5.88
N LYS A 19 -13.82 2.05 7.01
CA LYS A 19 -13.42 2.76 8.23
C LYS A 19 -11.91 2.80 8.29
N GLY A 20 -11.35 4.01 8.20
CA GLY A 20 -9.90 4.20 8.26
C GLY A 20 -9.44 4.79 9.58
N LYS A 21 -8.13 4.68 9.83
CA LYS A 21 -7.52 5.19 11.06
C LYS A 21 -7.80 6.69 11.21
N PHE A 22 -7.52 7.46 10.15
CA PHE A 22 -7.68 8.91 10.21
C PHE A 22 -9.01 9.44 9.67
N GLY A 23 -9.86 8.55 9.16
CA GLY A 23 -11.15 8.97 8.61
C GLY A 23 -11.89 7.88 7.85
N ASN A 24 -13.13 8.18 7.47
CA ASN A 24 -13.98 7.26 6.73
C ASN A 24 -13.97 7.56 5.23
N VAL A 25 -14.13 6.51 4.43
CA VAL A 25 -14.24 6.68 2.98
C VAL A 25 -15.67 6.39 2.54
N TYR A 26 -16.21 7.26 1.70
CA TYR A 26 -17.57 7.14 1.20
C TYR A 26 -17.59 7.15 -0.32
N LEU A 27 -18.58 6.47 -0.90
CA LEU A 27 -18.86 6.59 -2.32
C LEU A 27 -19.51 7.94 -2.54
N ALA A 28 -19.24 8.56 -3.67
CA ALA A 28 -19.85 9.84 -3.99
C ALA A 28 -19.95 10.08 -5.48
N ARG A 29 -20.88 10.93 -5.87
CA ARG A 29 -21.10 11.29 -7.26
C ARG A 29 -21.08 12.80 -7.39
N GLU A 30 -20.26 13.31 -8.31
CA GLU A 30 -20.25 14.73 -8.61
C GLU A 30 -21.54 15.06 -9.33
N LYS A 31 -22.27 16.05 -8.83
CA LYS A 31 -23.65 16.33 -9.28
C LYS A 31 -23.76 16.68 -10.77
N GLN A 32 -22.88 17.56 -11.24
CA GLN A 32 -22.98 18.09 -12.61
C GLN A 32 -22.62 17.06 -13.67
N SER A 33 -21.55 16.32 -13.42
CA SER A 33 -21.03 15.34 -14.36
C SER A 33 -21.56 13.92 -14.11
N LYS A 34 -22.09 13.68 -12.91
CA LYS A 34 -22.49 12.35 -12.46
C LYS A 34 -21.30 11.39 -12.34
N PHE A 35 -20.11 11.96 -12.15
CA PHE A 35 -18.87 11.19 -12.04
C PHE A 35 -18.79 10.48 -10.69
N ILE A 36 -18.81 9.15 -10.73
CA ILE A 36 -18.68 8.35 -9.50
C ILE A 36 -17.23 8.36 -9.04
N LEU A 37 -17.03 8.58 -7.74
CA LEU A 37 -15.69 8.59 -7.15
C LEU A 37 -15.78 8.32 -5.65
N ALA A 38 -14.65 8.39 -4.97
CA ALA A 38 -14.61 8.15 -3.52
C ALA A 38 -14.15 9.41 -2.77
N LEU A 39 -14.78 9.68 -1.64
CA LEU A 39 -14.40 10.80 -0.77
C LEU A 39 -13.96 10.26 0.57
N LYS A 40 -12.71 10.58 0.96
CA LYS A 40 -12.21 10.27 2.29
C LYS A 40 -12.31 11.52 3.18
N VAL A 41 -13.01 11.39 4.31
CA VAL A 41 -13.22 12.50 5.24
C VAL A 41 -12.28 12.37 6.43
N LEU A 42 -11.34 13.31 6.54
CA LEU A 42 -10.39 13.35 7.65
C LEU A 42 -10.67 14.60 8.47
N PHE A 43 -10.58 14.47 9.80
CA PHE A 43 -10.89 15.59 10.70
C PHE A 43 -9.67 16.41 11.06
N LYS A 44 -9.76 17.73 10.84
CA LYS A 44 -8.65 18.65 11.09
C LYS A 44 -8.13 18.50 12.50
N ALA A 45 -9.03 18.58 13.48
CA ALA A 45 -8.67 18.46 14.89
C ALA A 45 -7.79 17.24 15.12
N GLN A 46 -8.26 16.07 14.70
CA GLN A 46 -7.54 14.81 14.90
C GLN A 46 -6.18 14.80 14.18
N LEU A 47 -6.18 15.21 12.92
CA LEU A 47 -4.96 15.26 12.11
C LEU A 47 -3.85 16.08 12.78
N GLU A 48 -4.22 17.25 13.29
CA GLU A 48 -3.26 18.13 13.96
C GLU A 48 -2.87 17.61 15.35
N LYS A 49 -3.83 17.06 16.10
CA LYS A 49 -3.52 16.42 17.39
C LYS A 49 -2.47 15.32 17.25
N ALA A 50 -2.53 14.58 16.14
CA ALA A 50 -1.55 13.54 15.84
C ALA A 50 -0.28 14.08 15.17
N GLY A 51 -0.28 15.36 14.80
CA GLY A 51 0.86 15.99 14.15
C GLY A 51 1.09 15.51 12.72
N VAL A 52 0.01 15.14 12.04
CA VAL A 52 0.09 14.52 10.71
C VAL A 52 -0.51 15.41 9.61
N GLU A 53 -0.89 16.63 9.97
CA GLU A 53 -1.46 17.61 9.05
C GLU A 53 -0.63 17.85 7.77
N HIS A 54 0.68 17.99 7.92
CA HIS A 54 1.56 18.32 6.79
C HIS A 54 1.79 17.12 5.87
N GLN A 55 1.67 15.91 6.42
CA GLN A 55 1.79 14.70 5.61
C GLN A 55 0.68 14.58 4.58
N LEU A 56 -0.52 15.03 4.93
CA LEU A 56 -1.66 15.03 4.02
C LEU A 56 -1.40 15.96 2.84
N ARG A 57 -0.83 17.14 3.13
CA ARG A 57 -0.43 18.08 2.08
C ARG A 57 0.61 17.46 1.13
N ARG A 58 1.58 16.74 1.69
CA ARG A 58 2.63 16.08 0.91
C ARG A 58 2.10 14.94 0.03
N GLU A 59 1.04 14.27 0.48
CA GLU A 59 0.41 13.21 -0.32
C GLU A 59 -0.20 13.80 -1.58
N VAL A 60 -0.97 14.86 -1.40
CA VAL A 60 -1.61 15.55 -2.52
C VAL A 60 -0.52 16.00 -3.50
N GLU A 61 0.51 16.64 -2.95
CA GLU A 61 1.70 17.05 -3.72
C GLU A 61 2.25 15.89 -4.56
N ILE A 62 2.51 14.76 -3.91
CA ILE A 62 3.11 13.61 -4.58
C ILE A 62 2.17 12.99 -5.62
N GLN A 63 0.88 12.92 -5.30
CA GLN A 63 -0.13 12.34 -6.22
C GLN A 63 -0.42 13.20 -7.45
N SER A 64 -0.09 14.48 -7.42
CA SER A 64 -0.25 15.34 -8.59
C SER A 64 0.82 15.07 -9.66
N HIS A 65 1.88 14.34 -9.28
CA HIS A 65 2.98 14.01 -10.17
C HIS A 65 3.02 12.53 -10.58
N LEU A 66 2.01 11.76 -10.17
CA LEU A 66 1.96 10.32 -10.45
C LEU A 66 0.80 9.95 -11.38
N ARG A 67 1.13 9.28 -12.48
CA ARG A 67 0.13 8.74 -13.39
C ARG A 67 0.55 7.32 -13.79
N HIS A 68 -0.16 6.33 -13.26
CA HIS A 68 0.13 4.93 -13.56
C HIS A 68 -1.16 4.11 -13.39
N PRO A 69 -1.38 3.11 -14.20
CA PRO A 69 -2.63 2.37 -14.15
C PRO A 69 -2.79 1.53 -12.90
N ASN A 70 -1.70 1.19 -12.28
CA ASN A 70 -1.68 0.48 -11.00
C ASN A 70 -1.45 1.39 -9.77
N ILE A 71 -1.76 2.68 -9.90
CA ILE A 71 -1.72 3.60 -8.77
C ILE A 71 -3.05 4.35 -8.72
N LEU A 72 -3.68 4.38 -7.54
CA LEU A 72 -4.98 5.04 -7.38
C LEU A 72 -4.85 6.55 -7.50
N ARG A 73 -5.68 7.14 -8.37
CA ARG A 73 -5.64 8.58 -8.60
C ARG A 73 -6.22 9.35 -7.41
N LEU A 74 -5.57 10.46 -7.08
CA LEU A 74 -6.15 11.48 -6.20
C LEU A 74 -6.48 12.66 -7.10
N TYR A 75 -7.77 12.94 -7.26
CA TYR A 75 -8.20 13.97 -8.20
C TYR A 75 -8.02 15.36 -7.62
N GLY A 76 -8.22 15.49 -6.32
CA GLY A 76 -8.05 16.78 -5.65
C GLY A 76 -8.40 16.75 -4.18
N TYR A 77 -8.65 17.93 -3.63
CA TYR A 77 -8.94 18.07 -2.21
C TYR A 77 -9.68 19.37 -1.90
N PHE A 78 -10.39 19.39 -0.77
CA PHE A 78 -10.98 20.62 -0.25
C PHE A 78 -11.20 20.48 1.26
N HIS A 79 -11.66 21.55 1.90
CA HIS A 79 -11.96 21.51 3.33
C HIS A 79 -13.06 22.51 3.70
N ASP A 80 -13.62 22.33 4.90
CA ASP A 80 -14.67 23.20 5.40
C ASP A 80 -14.38 23.48 6.88
N ALA A 81 -15.38 23.93 7.65
CA ALA A 81 -15.20 24.27 9.06
C ALA A 81 -14.39 23.29 9.91
N THR A 82 -14.62 21.98 9.75
CA THR A 82 -14.05 20.98 10.68
C THR A 82 -13.17 19.88 10.05
N ARG A 83 -13.29 19.65 8.74
CA ARG A 83 -12.57 18.53 8.14
C ARG A 83 -11.95 18.78 6.75
N VAL A 84 -11.15 17.81 6.32
CA VAL A 84 -10.49 17.80 5.01
C VAL A 84 -10.97 16.59 4.21
N TYR A 85 -11.15 16.79 2.90
CA TYR A 85 -11.68 15.75 2.02
C TYR A 85 -10.70 15.42 0.89
N LEU A 86 -10.38 14.15 0.73
CA LEU A 86 -9.63 13.69 -0.44
C LEU A 86 -10.62 13.16 -1.48
N ILE A 87 -10.57 13.72 -2.69
CA ILE A 87 -11.38 13.24 -3.80
C ILE A 87 -10.56 12.18 -4.54
N LEU A 88 -11.01 10.93 -4.43
CA LEU A 88 -10.24 9.79 -4.90
C LEU A 88 -10.90 9.06 -6.04
N GLU A 89 -10.08 8.41 -6.86
CA GLU A 89 -10.59 7.44 -7.82
C GLU A 89 -11.28 6.31 -7.04
N TYR A 90 -12.44 5.90 -7.54
CA TYR A 90 -13.21 4.82 -6.93
C TYR A 90 -12.72 3.49 -7.50
N ALA A 91 -12.46 2.55 -6.62
CA ALA A 91 -11.98 1.22 -7.00
C ALA A 91 -13.10 0.19 -6.75
N PRO A 92 -13.87 -0.14 -7.81
CA PRO A 92 -15.12 -0.90 -7.65
C PRO A 92 -15.02 -2.26 -6.96
N LEU A 93 -13.90 -2.98 -7.15
CA LEU A 93 -13.77 -4.33 -6.60
C LEU A 93 -13.20 -4.36 -5.18
N GLY A 94 -12.95 -3.20 -4.60
CA GLY A 94 -12.61 -3.10 -3.18
C GLY A 94 -11.14 -3.37 -2.87
N THR A 95 -10.86 -3.63 -1.59
CA THR A 95 -9.50 -3.83 -1.11
C THR A 95 -9.04 -5.28 -1.27
N VAL A 96 -7.73 -5.45 -1.46
CA VAL A 96 -7.12 -6.78 -1.46
C VAL A 96 -7.27 -7.37 -0.06
N TYR A 97 -7.22 -6.50 0.95
CA TYR A 97 -7.52 -6.87 2.34
C TYR A 97 -8.80 -7.69 2.44
N ARG A 98 -9.91 -7.11 1.98
CA ARG A 98 -11.20 -7.80 2.02
C ARG A 98 -11.15 -9.09 1.20
N GLU A 99 -10.45 -9.06 0.07
CA GLU A 99 -10.35 -10.23 -0.80
C GLU A 99 -9.64 -11.40 -0.11
N LEU A 100 -8.63 -11.09 0.69
CA LEU A 100 -7.93 -12.11 1.48
C LEU A 100 -8.84 -12.75 2.51
N GLN A 101 -9.65 -11.93 3.17
CA GLN A 101 -10.60 -12.44 4.15
C GLN A 101 -11.61 -13.35 3.46
N LYS A 102 -12.13 -12.91 2.31
CA LYS A 102 -13.08 -13.71 1.55
C LYS A 102 -12.47 -15.02 1.09
N LEU A 103 -11.32 -14.95 0.41
CA LEU A 103 -10.70 -16.14 -0.18
C LEU A 103 -9.79 -16.94 0.76
N SER A 104 -9.43 -16.34 1.90
CA SER A 104 -8.53 -16.97 2.85
C SER A 104 -7.08 -16.77 2.40
N LYS A 105 -6.73 -17.40 1.29
CA LYS A 105 -5.40 -17.26 0.69
C LYS A 105 -5.52 -17.27 -0.82
N PHE A 106 -4.49 -16.80 -1.52
CA PHE A 106 -4.49 -16.76 -2.98
C PHE A 106 -3.61 -17.85 -3.58
N ASP A 107 -4.00 -18.34 -4.75
CA ASP A 107 -3.17 -19.28 -5.52
C ASP A 107 -1.96 -18.53 -6.10
N GLU A 108 -1.05 -19.28 -6.70
CA GLU A 108 0.22 -18.71 -7.16
C GLU A 108 0.04 -17.78 -8.35
N GLN A 109 -1.01 -18.02 -9.13
CA GLN A 109 -1.29 -17.24 -10.33
C GLN A 109 -1.75 -15.83 -9.96
N ARG A 110 -2.71 -15.74 -9.03
CA ARG A 110 -3.20 -14.45 -8.56
C ARG A 110 -2.12 -13.68 -7.82
N THR A 111 -1.38 -14.39 -6.96
CA THR A 111 -0.30 -13.78 -6.20
C THR A 111 0.74 -13.16 -7.14
N ALA A 112 1.27 -13.97 -8.05
CA ALA A 112 2.30 -13.53 -9.01
C ALA A 112 1.85 -12.32 -9.83
N THR A 113 0.58 -12.32 -10.23
CA THR A 113 0.00 -11.22 -10.98
C THR A 113 -0.06 -9.94 -10.13
N TYR A 114 -0.46 -10.07 -8.87
CA TYR A 114 -0.49 -8.92 -7.95
C TYR A 114 0.90 -8.36 -7.69
N ILE A 115 1.88 -9.25 -7.53
CA ILE A 115 3.27 -8.84 -7.30
C ILE A 115 3.83 -8.13 -8.54
N THR A 116 3.47 -8.63 -9.72
CA THR A 116 3.88 -7.99 -10.98
C THR A 116 3.34 -6.58 -11.09
N GLU A 117 2.04 -6.42 -10.86
CA GLU A 117 1.38 -5.12 -10.93
C GLU A 117 1.93 -4.16 -9.88
N LEU A 118 2.10 -4.68 -8.66
CA LEU A 118 2.78 -3.95 -7.59
C LEU A 118 4.17 -3.49 -8.02
N ALA A 119 4.95 -4.44 -8.54
CA ALA A 119 6.35 -4.17 -8.91
C ALA A 119 6.44 -3.07 -9.95
N ASN A 120 5.56 -3.12 -10.96
CA ASN A 120 5.50 -2.10 -11.98
C ASN A 120 5.18 -0.74 -11.37
N ALA A 121 4.11 -0.67 -10.59
CA ALA A 121 3.71 0.55 -9.90
C ALA A 121 4.87 1.14 -9.09
N LEU A 122 5.52 0.28 -8.30
CA LEU A 122 6.63 0.70 -7.45
C LEU A 122 7.87 1.05 -8.25
N SER A 123 8.08 0.36 -9.38
CA SER A 123 9.20 0.65 -10.28
C SER A 123 9.03 2.04 -10.89
N TYR A 124 7.79 2.39 -11.21
CA TYR A 124 7.47 3.74 -11.70
C TYR A 124 7.70 4.78 -10.60
N CYS A 125 7.27 4.46 -9.38
CA CYS A 125 7.44 5.37 -8.25
C CYS A 125 8.90 5.67 -7.96
N HIS A 126 9.74 4.63 -7.93
CA HIS A 126 11.16 4.78 -7.62
C HIS A 126 11.93 5.51 -8.72
N SER A 127 11.42 5.47 -9.94
CA SER A 127 12.03 6.21 -11.05
C SER A 127 11.71 7.71 -10.97
N LYS A 128 10.67 8.06 -10.22
CA LYS A 128 10.40 9.47 -9.87
C LYS A 128 10.91 9.79 -8.46
N ARG A 129 11.74 8.91 -7.90
CA ARG A 129 12.35 9.08 -6.56
C ARG A 129 11.35 9.04 -5.40
N VAL A 130 10.13 8.55 -5.65
CA VAL A 130 9.10 8.48 -4.62
C VAL A 130 9.15 7.05 -4.08
N ILE A 131 9.15 6.91 -2.74
CA ILE A 131 9.06 5.59 -2.09
C ILE A 131 7.84 5.58 -1.18
N HIS A 132 7.07 4.50 -1.20
CA HIS A 132 5.81 4.45 -0.48
C HIS A 132 5.88 4.39 1.02
N ARG A 133 6.59 3.38 1.52
CA ARG A 133 6.71 3.13 2.98
C ARG A 133 5.50 2.66 3.82
N ASP A 134 4.36 2.46 3.17
CA ASP A 134 3.14 2.06 3.88
C ASP A 134 2.44 0.87 3.24
N ILE A 135 3.06 0.30 2.20
CA ILE A 135 2.48 -0.85 1.52
C ILE A 135 1.88 -1.95 2.42
N LYS A 136 0.59 -2.22 2.21
CA LYS A 136 -0.15 -3.21 2.98
C LYS A 136 -1.51 -3.45 2.30
N PRO A 137 -2.17 -4.60 2.58
CA PRO A 137 -3.39 -4.97 1.86
C PRO A 137 -4.54 -3.95 1.93
N GLU A 138 -4.65 -3.23 3.05
CA GLU A 138 -5.65 -2.17 3.18
C GLU A 138 -5.47 -1.10 2.12
N ASN A 139 -4.21 -0.86 1.73
CA ASN A 139 -3.86 0.17 0.77
C ASN A 139 -3.73 -0.35 -0.66
N LEU A 140 -4.15 -1.59 -0.88
CA LEU A 140 -4.17 -2.16 -2.21
C LEU A 140 -5.63 -2.29 -2.61
N LEU A 141 -5.98 -1.64 -3.72
CA LEU A 141 -7.35 -1.59 -4.20
C LEU A 141 -7.48 -2.22 -5.58
N LEU A 142 -8.69 -2.65 -5.92
CA LEU A 142 -8.95 -3.36 -7.18
C LEU A 142 -9.90 -2.59 -8.11
N GLY A 143 -9.43 -2.29 -9.31
CA GLY A 143 -10.25 -1.66 -10.34
C GLY A 143 -11.29 -2.61 -10.94
N SER A 144 -12.09 -2.10 -11.87
CA SER A 144 -13.23 -2.85 -12.40
C SER A 144 -12.86 -4.13 -13.15
N ALA A 145 -11.62 -4.22 -13.62
CA ALA A 145 -11.12 -5.43 -14.28
C ALA A 145 -10.28 -6.27 -13.32
N GLY A 146 -10.41 -6.01 -12.03
CA GLY A 146 -9.62 -6.71 -11.01
C GLY A 146 -8.15 -6.32 -10.98
N GLU A 147 -7.78 -5.21 -11.62
CA GLU A 147 -6.39 -4.76 -11.64
C GLU A 147 -6.04 -4.06 -10.33
N LEU A 148 -4.87 -4.39 -9.80
CA LEU A 148 -4.43 -3.91 -8.50
C LEU A 148 -4.00 -2.44 -8.58
N LYS A 149 -4.44 -1.64 -7.63
CA LYS A 149 -4.10 -0.21 -7.56
C LYS A 149 -3.59 0.18 -6.18
N ILE A 150 -2.41 0.78 -6.15
CA ILE A 150 -1.80 1.23 -4.90
C ILE A 150 -2.41 2.55 -4.43
N ALA A 151 -2.78 2.60 -3.16
CA ALA A 151 -3.34 3.81 -2.55
C ALA A 151 -2.52 4.26 -1.34
N ASP A 152 -2.83 5.45 -0.85
CA ASP A 152 -2.24 6.01 0.37
C ASP A 152 -0.77 6.38 0.23
N PHE A 153 -0.52 7.64 -0.13
CA PHE A 153 0.83 8.19 -0.17
C PHE A 153 1.03 9.20 0.96
N GLY A 154 0.26 9.04 2.04
CA GLY A 154 0.35 9.92 3.20
C GLY A 154 1.59 9.69 4.04
N TRP A 155 2.30 8.60 3.78
CA TRP A 155 3.51 8.26 4.51
C TRP A 155 4.70 8.13 3.56
N SER A 156 4.54 8.62 2.33
CA SER A 156 5.55 8.52 1.29
C SER A 156 6.60 9.62 1.49
N VAL A 157 7.81 9.40 0.99
CA VAL A 157 8.86 10.42 1.07
C VAL A 157 9.54 10.72 -0.26
N HIS A 158 9.95 11.98 -0.38
CA HIS A 158 10.52 12.55 -1.61
C HIS A 158 11.86 11.92 -2.01
N ALA A 159 12.78 11.78 -1.05
CA ALA A 159 14.16 11.37 -1.31
C ALA A 159 14.55 10.19 -0.42
N PRO A 160 15.79 9.71 -0.57
CA PRO A 160 16.36 8.74 0.36
C PRO A 160 16.42 9.44 1.71
N SER A 161 15.49 9.10 2.59
CA SER A 161 15.35 9.83 3.83
C SER A 161 15.23 8.88 5.01
N SER A 162 15.13 9.48 6.19
CA SER A 162 15.01 8.71 7.44
C SER A 162 13.90 9.29 8.34
N ARG A 163 12.79 9.69 7.74
CA ARG A 163 11.69 10.34 8.47
C ARG A 163 10.82 9.33 9.23
N ARG A 164 9.94 9.84 10.09
CA ARG A 164 9.14 9.01 10.99
C ARG A 164 7.85 8.51 10.32
N THR A 165 7.70 7.19 10.26
CA THR A 165 6.47 6.58 9.77
C THR A 165 5.57 6.25 10.96
N ASP A 166 4.42 5.64 10.69
CA ASP A 166 3.49 5.28 11.75
C ASP A 166 3.97 4.04 12.49
N LEU A 167 4.68 4.26 13.61
CA LEU A 167 5.13 3.17 14.48
C LEU A 167 4.00 2.71 15.41
N CYS A 168 2.91 3.47 15.44
CA CYS A 168 1.64 3.02 16.03
C CYS A 168 0.84 2.32 14.93
N GLY A 169 -0.01 1.38 15.32
CA GLY A 169 -0.56 0.40 14.38
C GLY A 169 0.46 -0.70 14.14
N THR A 170 0.04 -1.81 13.55
CA THR A 170 0.90 -2.99 13.45
C THR A 170 2.18 -2.69 12.68
N LEU A 171 3.25 -3.39 13.07
CA LEU A 171 4.54 -3.28 12.41
C LEU A 171 4.69 -4.29 11.27
N ASP A 172 3.65 -5.10 11.06
CA ASP A 172 3.72 -6.28 10.18
C ASP A 172 4.38 -6.06 8.82
N TYR A 173 4.18 -4.89 8.21
CA TYR A 173 4.64 -4.65 6.84
C TYR A 173 5.87 -3.75 6.75
N LEU A 174 6.34 -3.27 7.90
CA LEU A 174 7.50 -2.37 7.96
C LEU A 174 8.81 -3.14 8.12
N PRO A 175 9.85 -2.71 7.40
CA PRO A 175 11.15 -3.37 7.47
C PRO A 175 11.93 -3.03 8.75
N PRO A 176 12.98 -3.81 9.05
CA PRO A 176 13.81 -3.60 10.24
C PRO A 176 14.36 -2.19 10.38
N GLU A 177 14.84 -1.62 9.28
CA GLU A 177 15.46 -0.30 9.33
C GLU A 177 14.48 0.83 9.69
N MET A 178 13.18 0.60 9.49
CA MET A 178 12.17 1.58 9.84
C MET A 178 11.69 1.46 11.28
N ILE A 179 11.48 0.23 11.75
CA ILE A 179 11.04 0.02 13.14
C ILE A 179 12.14 0.33 14.15
N GLU A 180 13.40 0.22 13.71
CA GLU A 180 14.55 0.54 14.56
C GLU A 180 14.98 2.01 14.44
N GLY A 181 14.24 2.81 13.67
CA GLY A 181 14.53 4.23 13.49
C GLY A 181 15.84 4.50 12.76
N ARG A 182 16.24 3.56 11.89
CA ARG A 182 17.45 3.69 11.09
C ARG A 182 17.12 4.43 9.78
N MET A 183 18.16 4.93 9.11
CA MET A 183 18.03 5.50 7.77
C MET A 183 17.59 4.44 6.75
N HIS A 184 16.62 4.81 5.91
CA HIS A 184 16.02 3.90 4.93
C HIS A 184 15.97 4.53 3.53
N ASP A 185 15.57 3.72 2.54
CA ASP A 185 15.52 4.17 1.16
C ASP A 185 14.47 3.36 0.37
N GLU A 186 14.53 3.40 -0.96
CA GLU A 186 13.57 2.69 -1.82
C GLU A 186 13.49 1.19 -1.56
N LYS A 187 14.48 0.65 -0.86
CA LYS A 187 14.50 -0.78 -0.54
C LYS A 187 13.43 -1.21 0.46
N VAL A 188 12.88 -0.26 1.21
CA VAL A 188 11.77 -0.57 2.12
C VAL A 188 10.59 -1.18 1.37
N ASP A 189 10.34 -0.69 0.16
CA ASP A 189 9.20 -1.16 -0.64
C ASP A 189 9.37 -2.60 -1.11
N LEU A 190 10.60 -3.03 -1.31
CA LEU A 190 10.87 -4.41 -1.73
C LEU A 190 10.72 -5.41 -0.58
N TRP A 191 11.03 -4.98 0.64
CA TRP A 191 10.70 -5.75 1.82
C TRP A 191 9.19 -5.93 1.90
N SER A 192 8.46 -4.82 1.75
CA SER A 192 6.99 -4.85 1.81
C SER A 192 6.40 -5.80 0.76
N LEU A 193 6.98 -5.82 -0.44
CA LEU A 193 6.62 -6.81 -1.47
C LEU A 193 6.74 -8.24 -0.96
N GLY A 194 7.85 -8.54 -0.31
CA GLY A 194 8.10 -9.88 0.23
C GLY A 194 7.07 -10.29 1.25
N VAL A 195 6.71 -9.35 2.13
CA VAL A 195 5.70 -9.57 3.16
C VAL A 195 4.35 -9.85 2.52
N LEU A 196 4.02 -9.10 1.46
CA LEU A 196 2.76 -9.32 0.73
C LEU A 196 2.75 -10.65 0.01
N CYS A 197 3.84 -10.96 -0.69
CA CYS A 197 3.91 -12.22 -1.41
C CYS A 197 3.68 -13.40 -0.47
N TYR A 198 4.26 -13.32 0.72
CA TYR A 198 4.04 -14.33 1.76
C TYR A 198 2.58 -14.36 2.19
N GLU A 199 2.02 -13.19 2.49
CA GLU A 199 0.66 -13.12 2.99
C GLU A 199 -0.37 -13.61 1.98
N PHE A 200 -0.18 -13.24 0.72
CA PHE A 200 -1.09 -13.66 -0.36
C PHE A 200 -1.16 -15.19 -0.44
N LEU A 201 -0.01 -15.85 -0.38
CA LEU A 201 0.05 -17.31 -0.46
C LEU A 201 -0.38 -17.99 0.82
N VAL A 202 0.00 -17.44 1.97
CA VAL A 202 -0.22 -18.11 3.25
C VAL A 202 -1.56 -17.72 3.89
N GLY A 203 -1.96 -16.46 3.77
CA GLY A 203 -3.18 -15.96 4.38
C GLY A 203 -2.95 -15.12 5.63
N LYS A 204 -1.72 -15.15 6.14
CA LYS A 204 -1.28 -14.25 7.21
C LYS A 204 0.14 -13.80 6.92
N PRO A 205 0.50 -12.58 7.35
CA PRO A 205 1.85 -12.07 7.09
C PRO A 205 2.91 -12.80 7.93
N PRO A 206 4.16 -12.87 7.44
CA PRO A 206 5.22 -13.74 7.98
C PRO A 206 5.69 -13.44 9.40
N PHE A 207 5.51 -12.22 9.91
CA PHE A 207 5.98 -11.87 11.25
C PHE A 207 4.84 -11.62 12.22
N GLU A 208 3.67 -12.16 11.90
CA GLU A 208 2.48 -11.94 12.70
C GLU A 208 2.63 -12.52 14.10
N ALA A 209 2.12 -11.77 15.08
CA ALA A 209 2.10 -12.18 16.47
C ALA A 209 0.96 -11.44 17.13
N ASN A 210 0.49 -11.93 18.28
CA ASN A 210 -0.57 -11.22 19.00
C ASN A 210 -0.01 -10.11 19.90
N THR A 211 1.30 -9.87 19.80
CA THR A 211 1.93 -8.78 20.51
C THR A 211 2.83 -7.97 19.56
N TYR A 212 2.73 -6.65 19.68
CA TYR A 212 3.62 -5.69 19.03
C TYR A 212 5.07 -6.03 19.33
N GLN A 213 5.38 -6.17 20.62
CA GLN A 213 6.72 -6.49 21.10
C GLN A 213 7.33 -7.76 20.48
N GLU A 214 6.51 -8.76 20.19
CA GLU A 214 7.01 -10.01 19.59
C GLU A 214 7.18 -9.83 18.08
N THR A 215 6.20 -9.20 17.44
CA THR A 215 6.30 -8.86 16.01
C THR A 215 7.56 -8.05 15.75
N TYR A 216 7.88 -7.15 16.68
CA TYR A 216 9.09 -6.33 16.60
C TYR A 216 10.32 -7.22 16.55
N LYS A 217 10.44 -8.11 17.52
CA LYS A 217 11.58 -9.03 17.61
C LYS A 217 11.68 -9.90 16.36
N ARG A 218 10.54 -10.33 15.82
CA ARG A 218 10.54 -11.21 14.65
C ARG A 218 11.02 -10.50 13.38
N ILE A 219 10.56 -9.26 13.18
CA ILE A 219 11.02 -8.46 12.04
C ILE A 219 12.52 -8.20 12.17
N SER A 220 12.96 -7.87 13.38
CA SER A 220 14.36 -7.55 13.63
C SER A 220 15.29 -8.72 13.35
N ARG A 221 14.86 -9.93 13.73
CA ARG A 221 15.63 -11.15 13.48
C ARG A 221 15.40 -11.72 12.07
N VAL A 222 14.37 -11.23 11.40
CA VAL A 222 13.96 -11.81 10.12
C VAL A 222 13.59 -13.27 10.37
N GLU A 223 12.63 -13.48 11.27
CA GLU A 223 12.31 -14.80 11.74
C GLU A 223 10.96 -15.25 11.15
N PHE A 224 11.01 -15.96 10.02
CA PHE A 224 9.80 -16.51 9.39
C PHE A 224 10.03 -17.94 8.91
N THR A 225 8.94 -18.70 8.83
CA THR A 225 8.97 -20.07 8.30
C THR A 225 7.80 -20.28 7.34
N PHE A 226 7.99 -21.18 6.38
CA PHE A 226 7.00 -21.45 5.33
C PHE A 226 6.17 -22.68 5.63
N PRO A 227 4.85 -22.62 5.37
CA PRO A 227 4.08 -23.86 5.39
C PRO A 227 4.41 -24.75 4.19
N ASP A 228 4.12 -26.03 4.31
CA ASP A 228 4.48 -27.03 3.30
C ASP A 228 3.91 -26.73 1.90
N PHE A 229 2.74 -26.12 1.85
CA PHE A 229 2.07 -25.84 0.56
C PHE A 229 2.68 -24.68 -0.23
N VAL A 230 3.69 -24.00 0.34
CA VAL A 230 4.37 -22.93 -0.38
C VAL A 230 5.52 -23.53 -1.20
N THR A 231 5.46 -23.31 -2.52
CA THR A 231 6.38 -23.94 -3.47
C THR A 231 7.79 -23.37 -3.43
N GLU A 232 8.74 -24.15 -3.92
CA GLU A 232 10.17 -23.80 -3.88
C GLU A 232 10.45 -22.43 -4.50
N GLY A 233 9.84 -22.17 -5.66
CA GLY A 233 10.05 -20.92 -6.39
C GLY A 233 9.58 -19.70 -5.62
N ALA A 234 8.42 -19.82 -4.97
CA ALA A 234 7.90 -18.75 -4.14
C ALA A 234 8.81 -18.52 -2.91
N ARG A 235 9.28 -19.62 -2.32
CA ARG A 235 10.19 -19.54 -1.18
C ARG A 235 11.47 -18.80 -1.54
N ASP A 236 11.95 -19.02 -2.76
CA ASP A 236 13.13 -18.34 -3.27
C ASP A 236 12.91 -16.83 -3.35
N LEU A 237 11.82 -16.43 -4.00
CA LEU A 237 11.53 -15.01 -4.20
C LEU A 237 11.35 -14.31 -2.85
N ILE A 238 10.48 -14.85 -2.02
CA ILE A 238 10.22 -14.27 -0.70
C ILE A 238 11.52 -14.14 0.07
N SER A 239 12.32 -15.20 0.09
CA SER A 239 13.58 -15.19 0.83
C SER A 239 14.58 -14.15 0.32
N ARG A 240 14.54 -13.87 -0.99
CA ARG A 240 15.40 -12.83 -1.57
C ARG A 240 14.94 -11.42 -1.18
N LEU A 241 13.64 -11.26 -0.93
CA LEU A 241 13.07 -9.97 -0.59
C LEU A 241 13.21 -9.65 0.90
N LEU A 242 13.01 -10.66 1.74
CA LEU A 242 13.04 -10.45 3.19
C LEU A 242 14.45 -10.56 3.76
N LYS A 243 15.35 -9.68 3.30
CA LYS A 243 16.72 -9.63 3.81
C LYS A 243 16.84 -8.45 4.77
N HIS A 244 17.53 -8.67 5.89
CA HIS A 244 17.72 -7.62 6.88
C HIS A 244 18.49 -6.45 6.26
N ASN A 245 19.59 -6.75 5.59
CA ASN A 245 20.35 -5.72 4.90
C ASN A 245 19.59 -5.25 3.66
N PRO A 246 19.25 -3.94 3.61
CA PRO A 246 18.49 -3.43 2.46
C PRO A 246 19.15 -3.68 1.11
N SER A 247 20.47 -3.46 1.03
CA SER A 247 21.21 -3.57 -0.23
C SER A 247 21.28 -5.00 -0.80
N GLN A 248 21.01 -6.00 0.04
CA GLN A 248 20.92 -7.39 -0.43
C GLN A 248 19.59 -7.69 -1.12
N ARG A 249 18.59 -6.85 -0.90
CA ARG A 249 17.30 -7.02 -1.57
C ARG A 249 17.44 -6.70 -3.05
N PRO A 250 16.78 -7.47 -3.92
CA PRO A 250 16.91 -7.26 -5.36
C PRO A 250 16.34 -5.92 -5.82
N MET A 251 16.62 -5.56 -7.07
CA MET A 251 15.94 -4.43 -7.70
C MET A 251 14.60 -4.93 -8.20
N LEU A 252 13.67 -4.01 -8.43
CA LEU A 252 12.33 -4.38 -8.86
C LEU A 252 12.33 -5.13 -10.19
N ARG A 253 13.28 -4.83 -11.07
CA ARG A 253 13.37 -5.51 -12.36
C ARG A 253 13.85 -6.97 -12.24
N GLU A 254 14.60 -7.28 -11.18
CA GLU A 254 14.94 -8.67 -10.89
C GLU A 254 13.71 -9.47 -10.46
N VAL A 255 12.83 -8.83 -9.69
CA VAL A 255 11.57 -9.44 -9.26
C VAL A 255 10.68 -9.77 -10.45
N LEU A 256 10.55 -8.80 -11.36
CA LEU A 256 9.76 -8.99 -12.57
C LEU A 256 10.35 -10.07 -13.49
N GLU A 257 11.68 -10.24 -13.44
CA GLU A 257 12.38 -11.28 -14.20
C GLU A 257 12.50 -12.60 -13.45
N HIS A 258 11.98 -12.66 -12.21
CA HIS A 258 12.10 -13.89 -11.42
C HIS A 258 11.27 -15.00 -12.04
N PRO A 259 11.88 -16.18 -12.29
CA PRO A 259 11.22 -17.26 -13.04
C PRO A 259 9.85 -17.70 -12.49
N TRP A 260 9.71 -17.71 -11.17
CA TRP A 260 8.41 -18.01 -10.55
C TRP A 260 7.36 -16.96 -10.89
N ILE A 261 7.76 -15.69 -10.94
CA ILE A 261 6.85 -14.62 -11.33
C ILE A 261 6.44 -14.76 -12.80
N THR A 262 7.43 -14.96 -13.68
CA THR A 262 7.16 -15.05 -15.11
C THR A 262 6.36 -16.30 -15.48
N ALA A 263 6.60 -17.39 -14.76
CA ALA A 263 5.88 -18.64 -15.01
C ALA A 263 4.42 -18.56 -14.56
N ASN A 264 4.15 -17.76 -13.54
CA ASN A 264 2.84 -17.73 -12.88
C ASN A 264 2.00 -16.46 -13.09
N SER A 265 2.64 -15.33 -13.36
CA SER A 265 1.93 -14.07 -13.58
C SER A 265 1.19 -14.08 -14.91
N SER A 266 -0.07 -13.65 -14.88
CA SER A 266 -0.89 -13.58 -16.09
C SER A 266 -0.75 -12.23 -16.79
N LYS A 267 -0.19 -11.24 -16.10
CA LYS A 267 -0.01 -9.89 -16.65
C LYS A 267 1.48 -9.65 -16.98
N PRO A 268 1.76 -8.92 -18.08
CA PRO A 268 3.16 -8.65 -18.43
C PRO A 268 3.85 -7.63 -17.50
N SER A 269 5.17 -7.57 -17.58
CA SER A 269 5.96 -6.58 -16.85
C SER A 269 6.02 -5.28 -17.63
C35 WPH B . -17.92 -6.91 -1.40
N36 WPH B . -17.11 -5.91 -2.12
C39 WPH B . -16.01 -6.55 -2.87
C37 WPH B . -17.96 -5.14 -3.04
C38 WPH B . -17.34 -3.77 -3.28
O34 WPH B . -16.89 -3.24 -2.00
C9 WPH B . -16.03 -2.18 -2.03
C10 WPH B . -15.83 -1.43 -3.18
C11 WPH B . -14.96 -0.35 -3.16
C8 WPH B . -15.37 -1.82 -0.85
C7 WPH B . -14.49 -0.73 -0.82
C6 WPH B . -14.29 0.01 -1.98
C2 WPH B . -13.41 1.11 -2.03
O3 WPH B . -13.30 1.82 -3.19
C1 WPH B . -12.56 1.61 -1.12
C5 WPH B . -11.92 2.65 -1.67
C4 WPH B . -12.39 2.79 -2.98
N12 WPH B . -11.91 3.76 -3.77
C13 WPH B . -10.99 4.60 -3.32
N14 WPH B . -10.52 4.50 -2.08
C15 WPH B . -10.95 3.55 -1.23
N40 WPH B . -10.42 3.52 0.00
C16 WPH B . -9.47 4.55 0.45
C17 WPH B . -8.01 4.15 0.21
C18 WPH B . -7.08 5.23 0.77
C23 WPH B . -6.40 5.02 1.97
C22 WPH B . -5.57 6.01 2.50
C19 WPH B . -6.93 6.44 0.11
C20 WPH B . -6.10 7.44 0.63
C21 WPH B . -5.43 7.24 1.84
N24 WPH B . -4.62 8.22 2.28
C25 WPH B . -4.53 8.64 3.55
O33 WPH B . -5.23 8.18 4.46
N26 WPH B . -3.62 9.61 3.75
C27 WPH B . -3.32 10.19 4.93
C28 WPH B . -2.44 11.27 4.91
C29 WPH B . -2.06 11.92 6.07
C30 WPH B . -2.58 11.49 7.30
C31 WPH B . -3.45 10.41 7.33
C32 WPH B . -3.82 9.76 6.16
#